data_7A2A
#
_entry.id   7A2A
#
_cell.length_a   75.180
_cell.length_b   83.730
_cell.length_c   92.340
_cell.angle_alpha   90.000
_cell.angle_beta   90.000
_cell.angle_gamma   90.000
#
_symmetry.space_group_name_H-M   'P 21 21 21'
#
loop_
_entity.id
_entity.type
_entity.pdbx_description
1 polymer 'Epidermal growth factor receptor'
2 non-polymer (2R)-2-(1-oxo-1,3-dihydro-2H-isoindol-2-yl)-2-phenyl-N-(1,3-thiazol-2-yl)acetamide
3 non-polymer ~{N}-[3-[[5-fluoranyl-2-[[4-(2-methoxyethoxy)phenyl]amino]pyrimidin-4-yl]amino]phenyl]propanamide
4 non-polymer 'SULFATE ION'
5 non-polymer 'CHLORIDE ION'
6 water water
#
_entity_poly.entity_id   1
_entity_poly.type   'polypeptide(L)'
_entity_poly.pdbx_seq_one_letter_code
;GSHMASGEAPNQALLRILKETEFKKIKVLGSGAFGTVYKGLWIPEGEKVKIPVAIKELREATSPKANKEILDEAYVMASV
DNPHVCRLLGICLTSTVQLIMQLMPFGCLLDYVREHKDNIGSQYLLNWCVQIAKGMNYLEDRRLVHRDLAARNVLVKTPQ
HVKITDFGLAKLLGAEEKEYHAEGGKVPIKWMALESILHRIYTHQSDVWSYGVTVWELMTFGSKPYDGIPASEISSILEK
GERLPQPPICTIDVYMIMRKCWMIDADSRPKFRELIIEFSKMARDPQRYLVIQGDERMHLPSPTDSNFYRALMDEEDMDD
VVDADEYLIPQQG
;
_entity_poly.pdbx_strand_id   A,B
#
# COMPACT_ATOMS: atom_id res chain seq x y z
N ASN A 11 6.21 -14.58 7.54
CA ASN A 11 6.64 -13.76 8.66
C ASN A 11 8.11 -13.37 8.59
N GLN A 12 9.00 -14.33 8.87
CA GLN A 12 10.42 -14.01 8.97
C GLN A 12 10.93 -13.43 7.66
N ALA A 13 10.46 -13.95 6.53
CA ALA A 13 10.82 -13.47 5.20
C ALA A 13 10.28 -12.08 4.89
N LEU A 14 9.53 -11.44 5.81
CA LEU A 14 9.06 -10.09 5.51
C LEU A 14 10.16 -9.05 5.68
N LEU A 15 11.15 -9.31 6.53
CA LEU A 15 12.26 -8.39 6.75
C LEU A 15 13.50 -8.90 6.04
N ARG A 16 14.04 -8.10 5.13
CA ARG A 16 15.26 -8.48 4.43
C ARG A 16 16.47 -8.12 5.26
N ILE A 17 17.37 -9.08 5.46
CA ILE A 17 18.65 -8.82 6.10
C ILE A 17 19.59 -8.46 4.95
N LEU A 18 20.01 -7.21 4.90
CA LEU A 18 20.75 -6.71 3.74
C LEU A 18 22.25 -6.76 3.99
N LYS A 19 23.00 -7.04 2.92
CA LYS A 19 24.44 -6.90 2.91
C LYS A 19 24.80 -5.49 2.46
N GLU A 20 25.98 -5.02 2.88
CA GLU A 20 26.39 -3.67 2.52
C GLU A 20 26.49 -3.51 1.00
N THR A 21 26.68 -4.61 0.28
CA THR A 21 26.71 -4.57 -1.17
C THR A 21 25.36 -4.20 -1.77
N GLU A 22 24.28 -4.57 -1.10
CA GLU A 22 22.93 -4.46 -1.65
C GLU A 22 22.36 -3.04 -1.64
N PHE A 23 23.01 -2.08 -0.96
CA PHE A 23 22.48 -0.72 -0.95
C PHE A 23 23.61 0.29 -0.96
N LYS A 24 23.32 1.48 -1.46
CA LYS A 24 24.30 2.56 -1.51
C LYS A 24 23.60 3.84 -1.14
N LYS A 25 24.24 4.64 -0.27
CA LYS A 25 23.74 5.95 0.08
C LYS A 25 24.26 6.95 -0.94
N ILE A 26 23.36 7.74 -1.52
CA ILE A 26 23.71 8.66 -2.58
C ILE A 26 23.65 10.11 -2.11
N LYS A 27 22.59 10.50 -1.42
CA LYS A 27 22.44 11.87 -0.98
C LYS A 27 21.91 11.91 0.45
N VAL A 28 22.27 12.96 1.15
CA VAL A 28 21.75 13.18 2.50
C VAL A 28 20.36 13.78 2.38
N LEU A 29 19.38 13.18 3.06
CA LEU A 29 18.06 13.78 3.17
C LEU A 29 17.92 14.60 4.45
N GLY A 30 18.48 14.12 5.55
CA GLY A 30 18.46 14.88 6.79
C GLY A 30 19.32 14.22 7.84
N SER A 31 19.72 15.01 8.83
CA SER A 31 20.46 14.46 9.96
C SER A 31 20.04 15.16 11.23
N GLY A 32 20.17 14.44 12.34
CA GLY A 32 19.80 14.97 13.63
C GLY A 32 20.31 14.09 14.74
N ALA A 33 19.74 14.29 15.92
CA ALA A 33 20.12 13.48 17.08
C ALA A 33 19.83 11.99 16.85
N PHE A 34 18.74 11.70 16.15
CA PHE A 34 18.35 10.31 15.92
C PHE A 34 19.38 9.56 15.09
N GLY A 35 19.96 10.23 14.11
CA GLY A 35 20.83 9.60 13.15
C GLY A 35 20.83 10.40 11.86
N THR A 36 21.04 9.70 10.76
CA THR A 36 21.07 10.33 9.45
C THR A 36 20.18 9.54 8.51
N VAL A 37 19.39 10.24 7.70
CA VAL A 37 18.58 9.63 6.67
C VAL A 37 19.15 10.01 5.31
N TYR A 38 19.33 9.02 4.46
CA TYR A 38 19.88 9.21 3.13
C TYR A 38 18.87 8.80 2.07
N LYS A 39 18.94 9.44 0.92
CA LYS A 39 18.33 8.89 -0.29
C LYS A 39 19.38 7.99 -0.95
N GLY A 40 18.95 6.82 -1.38
CA GLY A 40 19.91 5.88 -1.93
C GLY A 40 19.31 4.88 -2.89
N LEU A 41 20.07 3.83 -3.16
CA LEU A 41 19.62 2.78 -4.05
C LEU A 41 19.69 1.44 -3.33
N TRP A 42 18.66 0.65 -3.54
CA TRP A 42 18.64 -0.74 -3.11
C TRP A 42 18.92 -1.58 -4.35
N ILE A 43 19.98 -2.39 -4.28
CA ILE A 43 20.43 -3.20 -5.41
C ILE A 43 20.40 -4.65 -4.96
N PRO A 44 19.24 -5.29 -4.94
CA PRO A 44 19.17 -6.66 -4.39
C PRO A 44 20.04 -7.61 -5.18
N GLU A 45 20.75 -8.48 -4.46
CA GLU A 45 21.65 -9.42 -5.10
C GLU A 45 20.85 -10.42 -5.92
N GLY A 46 21.35 -10.72 -7.12
CA GLY A 46 20.69 -11.64 -8.01
C GLY A 46 19.61 -11.01 -8.88
N GLU A 47 19.43 -9.70 -8.78
CA GLU A 47 18.44 -8.98 -9.56
C GLU A 47 19.17 -7.97 -10.45
N LYS A 48 18.45 -7.38 -11.38
CA LYS A 48 19.01 -6.40 -12.29
C LYS A 48 18.29 -5.06 -12.18
N VAL A 49 17.90 -4.69 -10.96
CA VAL A 49 17.17 -3.45 -10.73
C VAL A 49 17.87 -2.65 -9.64
N LYS A 50 17.76 -1.34 -9.74
CA LYS A 50 18.23 -0.42 -8.72
C LYS A 50 17.02 0.39 -8.25
N ILE A 51 16.68 0.26 -6.97
CA ILE A 51 15.42 0.78 -6.45
C ILE A 51 15.74 1.99 -5.58
N PRO A 52 15.21 3.17 -5.87
CA PRO A 52 15.42 4.31 -4.96
C PRO A 52 14.73 4.05 -3.63
N VAL A 53 15.47 4.27 -2.54
CA VAL A 53 14.99 4.01 -1.19
C VAL A 53 15.49 5.12 -0.27
N ALA A 54 14.96 5.13 0.94
CA ALA A 54 15.49 5.92 2.04
C ALA A 54 16.24 4.99 2.98
N ILE A 55 17.39 5.45 3.45
CA ILE A 55 18.27 4.68 4.32
C ILE A 55 18.50 5.50 5.58
N LYS A 56 18.18 4.95 6.73
CA LYS A 56 18.39 5.62 8.00
C LYS A 56 19.49 4.88 8.75
N GLU A 57 20.54 5.58 9.12
CA GLU A 57 21.61 5.00 9.93
C GLU A 57 21.49 5.54 11.34
N LEU A 58 21.26 4.65 12.29
CA LEU A 58 21.10 5.00 13.69
C LEU A 58 22.47 5.28 14.31
N ARG A 59 22.51 6.15 15.30
CA ARG A 59 23.76 6.36 16.01
C ARG A 59 24.16 5.07 16.71
N GLU A 60 25.47 4.81 16.78
CA GLU A 60 25.95 3.56 17.37
CA GLU A 60 25.96 3.56 17.37
C GLU A 60 25.38 3.34 18.76
N ALA A 61 24.91 2.13 19.01
CA ALA A 61 24.39 1.78 20.33
C ALA A 61 25.52 1.19 21.18
N THR A 62 25.54 1.58 22.46
CA THR A 62 26.55 1.08 23.38
C THR A 62 26.34 -0.40 23.71
N SER A 63 25.09 -0.79 23.94
CA SER A 63 24.77 -2.18 24.31
C SER A 63 24.83 -3.12 23.10
N ALA A 66 19.99 -4.58 24.19
CA ALA A 66 21.12 -4.88 23.31
C ALA A 66 20.75 -4.62 21.86
N ASN A 67 21.52 -5.22 20.95
CA ASN A 67 21.21 -5.11 19.52
C ASN A 67 19.99 -5.95 19.17
N LYS A 68 19.69 -6.97 19.97
CA LYS A 68 18.56 -7.85 19.71
C LYS A 68 17.23 -7.09 19.74
N GLU A 69 17.08 -6.16 20.69
CA GLU A 69 15.84 -5.39 20.76
C GLU A 69 15.57 -4.66 19.46
N ILE A 70 16.60 -4.06 18.86
CA ILE A 70 16.42 -3.36 17.58
C ILE A 70 15.96 -4.33 16.51
N LEU A 71 16.56 -5.53 16.46
CA LEU A 71 16.16 -6.52 15.47
C LEU A 71 14.76 -7.05 15.74
N ASP A 72 14.42 -7.31 17.02
CA ASP A 72 13.09 -7.79 17.35
C ASP A 72 12.02 -6.80 16.89
N GLU A 73 12.23 -5.52 17.19
CA GLU A 73 11.28 -4.51 16.76
C GLU A 73 11.24 -4.37 15.25
N ALA A 74 12.38 -4.59 14.58
CA ALA A 74 12.42 -4.47 13.13
C ALA A 74 11.53 -5.52 12.47
N TYR A 75 11.50 -6.74 13.02
CA TYR A 75 10.62 -7.76 12.47
C TYR A 75 9.16 -7.33 12.54
N VAL A 76 8.76 -6.67 13.62
CA VAL A 76 7.40 -6.18 13.76
C VAL A 76 7.12 -5.10 12.72
N MET A 77 8.03 -4.15 12.58
CA MET A 77 7.81 -3.06 11.65
C MET A 77 7.84 -3.51 10.19
N ALA A 78 8.45 -4.66 9.89
CA ALA A 78 8.39 -5.22 8.55
C ALA A 78 7.09 -5.97 8.27
N SER A 79 6.29 -6.27 9.30
CA SER A 79 5.09 -7.07 9.13
C SER A 79 3.82 -6.26 8.91
N VAL A 80 3.89 -4.92 8.95
CA VAL A 80 2.69 -4.13 8.72
C VAL A 80 2.31 -4.20 7.24
N ASP A 81 1.01 -4.14 6.97
CA ASP A 81 0.50 -4.35 5.61
C ASP A 81 -0.74 -3.48 5.45
N ASN A 82 -0.52 -2.18 5.24
CA ASN A 82 -1.63 -1.24 5.12
C ASN A 82 -1.15 -0.07 4.26
N PRO A 83 -2.01 0.47 3.39
CA PRO A 83 -1.53 1.52 2.47
C PRO A 83 -1.16 2.83 3.18
N HIS A 84 -1.56 3.03 4.43
CA HIS A 84 -1.29 4.29 5.11
C HIS A 84 -0.35 4.12 6.30
N VAL A 85 0.45 3.05 6.27
CA VAL A 85 1.45 2.77 7.30
C VAL A 85 2.74 2.41 6.57
N CYS A 86 3.82 3.12 6.88
CA CYS A 86 5.13 2.77 6.32
C CYS A 86 5.56 1.38 6.79
N ARG A 87 6.17 0.62 5.88
CA ARG A 87 6.69 -0.70 6.23
C ARG A 87 8.21 -0.70 6.15
N LEU A 88 8.86 -1.33 7.12
CA LEU A 88 10.30 -1.51 7.08
C LEU A 88 10.62 -2.61 6.06
N LEU A 89 11.45 -2.30 5.07
CA LEU A 89 11.83 -3.22 4.00
C LEU A 89 13.02 -4.10 4.37
N GLY A 90 14.06 -3.50 4.95
CA GLY A 90 15.27 -4.26 5.24
C GLY A 90 16.11 -3.60 6.32
N ILE A 91 17.08 -4.36 6.78
CA ILE A 91 17.99 -3.92 7.84
C ILE A 91 19.38 -4.46 7.53
N CYS A 92 20.39 -3.69 7.91
CA CYS A 92 21.79 -4.10 7.80
C CYS A 92 22.44 -3.85 9.14
N LEU A 93 22.96 -4.92 9.74
CA LEU A 93 23.54 -4.88 11.08
C LEU A 93 25.06 -4.99 10.99
N THR A 94 25.75 -3.95 11.45
CA THR A 94 27.20 -3.96 11.54
C THR A 94 27.58 -3.34 12.88
N SER A 95 28.56 -2.44 12.90
CA SER A 95 28.73 -1.64 14.11
C SER A 95 27.52 -0.73 14.33
N THR A 96 26.85 -0.32 13.26
CA THR A 96 25.65 0.50 13.32
C THR A 96 24.47 -0.29 12.75
N VAL A 97 23.27 0.23 13.01
CA VAL A 97 22.04 -0.29 12.42
C VAL A 97 21.65 0.61 11.26
N GLN A 98 21.40 0.01 10.10
CA GLN A 98 20.93 0.75 8.92
C GLN A 98 19.61 0.17 8.46
N LEU A 99 18.63 1.05 8.26
CA LEU A 99 17.24 0.68 8.02
C LEU A 99 16.81 1.20 6.65
N ILE A 100 16.18 0.33 5.85
CA ILE A 100 15.81 0.68 4.49
C ILE A 100 14.29 0.60 4.35
N MET A 101 13.69 1.64 3.77
CA MET A 101 12.28 1.54 3.37
C MET A 101 12.06 2.40 2.14
N GLN A 102 10.85 2.29 1.57
CA GLN A 102 10.58 3.01 0.33
C GLN A 102 10.75 4.50 0.55
N LEU A 103 11.28 5.17 -0.47
CA LEU A 103 11.40 6.61 -0.46
C LEU A 103 10.00 7.24 -0.56
N MET A 104 9.70 8.21 0.28
CA MET A 104 8.48 9.00 0.15
C MET A 104 8.89 10.32 -0.49
N PRO A 105 8.70 10.50 -1.81
CA PRO A 105 9.40 11.59 -2.51
C PRO A 105 9.02 12.99 -2.04
N PHE A 106 7.82 13.18 -1.49
CA PHE A 106 7.39 14.52 -1.13
C PHE A 106 7.70 14.89 0.32
N GLY A 107 8.38 14.04 1.08
CA GLY A 107 8.78 14.40 2.44
C GLY A 107 7.65 14.26 3.46
N CYS A 108 7.85 14.91 4.62
CA CYS A 108 6.86 14.81 5.67
C CYS A 108 5.68 15.73 5.38
N LEU A 109 4.51 15.35 5.89
CA LEU A 109 3.28 16.10 5.62
C LEU A 109 3.29 17.50 6.25
N LEU A 110 3.94 17.63 7.42
CA LEU A 110 4.00 18.94 8.05
C LEU A 110 4.69 19.96 7.14
N ASP A 111 5.85 19.60 6.60
CA ASP A 111 6.56 20.50 5.68
C ASP A 111 5.76 20.70 4.40
N TYR A 112 5.05 19.66 3.97
CA TYR A 112 4.29 19.77 2.73
C TYR A 112 3.16 20.79 2.86
N VAL A 113 2.40 20.75 3.96
CA VAL A 113 1.30 21.70 4.10
C VAL A 113 1.85 23.10 4.32
N ARG A 114 3.01 23.24 4.96
CA ARG A 114 3.59 24.57 5.11
C ARG A 114 4.02 25.12 3.77
N GLU A 115 4.63 24.28 2.94
CA GLU A 115 5.15 24.76 1.66
C GLU A 115 4.06 25.00 0.63
N HIS A 116 2.88 24.40 0.77
CA HIS A 116 1.81 24.56 -0.20
C HIS A 116 0.56 25.19 0.41
N LYS A 117 0.73 25.98 1.47
CA LYS A 117 -0.40 26.52 2.22
C LYS A 117 -1.41 27.25 1.34
N ASP A 118 -0.97 27.79 0.21
CA ASP A 118 -1.87 28.57 -0.65
C ASP A 118 -2.51 27.73 -1.75
N ASN A 119 -2.13 26.46 -1.90
CA ASN A 119 -2.62 25.63 -2.98
C ASN A 119 -3.33 24.37 -2.49
N ILE A 120 -3.75 24.31 -1.23
CA ILE A 120 -4.35 23.11 -0.65
C ILE A 120 -5.82 23.38 -0.38
N GLY A 121 -6.70 22.58 -1.00
CA GLY A 121 -8.12 22.72 -0.84
C GLY A 121 -8.69 21.77 0.21
N SER A 122 -9.99 21.94 0.46
CA SER A 122 -10.65 21.14 1.50
C SER A 122 -10.60 19.64 1.18
N GLN A 123 -10.67 19.26 -0.09
CA GLN A 123 -10.67 17.82 -0.39
C GLN A 123 -9.36 17.16 0.01
N TYR A 124 -8.23 17.80 -0.28
CA TYR A 124 -6.93 17.25 0.12
C TYR A 124 -6.86 17.07 1.62
N LEU A 125 -7.24 18.12 2.37
CA LEU A 125 -7.11 18.09 3.82
C LEU A 125 -7.95 16.99 4.42
N LEU A 126 -9.21 16.88 3.99
CA LEU A 126 -10.08 15.85 4.55
C LEU A 126 -9.63 14.45 4.15
N ASN A 127 -9.15 14.26 2.91
CA ASN A 127 -8.63 12.96 2.50
C ASN A 127 -7.44 12.54 3.36
N TRP A 128 -6.55 13.50 3.68
CA TRP A 128 -5.45 13.19 4.59
C TRP A 128 -5.96 12.75 5.97
N CYS A 129 -7.00 13.42 6.48
CA CYS A 129 -7.53 13.02 7.77
C CYS A 129 -8.06 11.59 7.72
N VAL A 130 -8.72 11.22 6.63
CA VAL A 130 -9.20 9.85 6.44
C VAL A 130 -8.04 8.88 6.42
N GLN A 131 -7.03 9.18 5.60
CA GLN A 131 -5.92 8.25 5.44
C GLN A 131 -5.16 8.05 6.74
N ILE A 132 -4.95 9.12 7.50
CA ILE A 132 -4.22 8.97 8.76
C ILE A 132 -5.05 8.16 9.74
N ALA A 133 -6.36 8.41 9.78
CA ALA A 133 -7.23 7.64 10.67
C ALA A 133 -7.25 6.17 10.27
N LYS A 134 -7.20 5.87 8.98
CA LYS A 134 -7.17 4.49 8.55
C LYS A 134 -5.88 3.79 8.99
N GLY A 135 -4.74 4.46 8.82
CA GLY A 135 -3.49 3.88 9.28
C GLY A 135 -3.48 3.66 10.78
N MET A 136 -3.98 4.63 11.54
CA MET A 136 -4.02 4.48 12.99
C MET A 136 -4.94 3.34 13.39
N ASN A 137 -6.09 3.24 12.73
CA ASN A 137 -7.01 2.13 13.01
C ASN A 137 -6.34 0.79 12.75
N TYR A 138 -5.57 0.69 11.67
CA TYR A 138 -4.83 -0.53 11.37
C TYR A 138 -3.85 -0.85 12.49
N LEU A 139 -3.07 0.15 12.92
CA LEU A 139 -2.14 -0.08 14.02
C LEU A 139 -2.86 -0.51 15.29
N GLU A 140 -4.03 0.09 15.56
CA GLU A 140 -4.80 -0.35 16.73
C GLU A 140 -5.29 -1.78 16.56
N ASP A 141 -5.70 -2.15 15.34
CA ASP A 141 -6.14 -3.53 15.11
C ASP A 141 -5.00 -4.52 15.38
N ARG A 142 -3.76 -4.11 15.10
CA ARG A 142 -2.60 -4.95 15.35
C ARG A 142 -2.09 -4.81 16.78
N ARG A 143 -2.83 -4.08 17.63
CA ARG A 143 -2.46 -3.87 19.03
C ARG A 143 -1.13 -3.11 19.15
N LEU A 144 -0.83 -2.25 18.17
CA LEU A 144 0.34 -1.40 18.22
C LEU A 144 -0.07 0.03 18.60
N VAL A 145 0.57 0.57 19.64
CA VAL A 145 0.35 1.95 20.05
C VAL A 145 1.48 2.77 19.45
N HIS A 146 1.11 3.86 18.77
CA HIS A 146 2.11 4.66 18.07
C HIS A 146 3.02 5.39 19.05
N ARG A 147 2.43 6.25 19.90
CA ARG A 147 3.00 7.09 20.95
C ARG A 147 3.59 8.39 20.41
N ASP A 148 3.71 8.57 19.10
CA ASP A 148 4.36 9.79 18.62
C ASP A 148 3.72 10.24 17.31
N LEU A 149 2.38 10.26 17.28
CA LEU A 149 1.68 10.68 16.07
C LEU A 149 1.70 12.21 16.01
N ALA A 150 2.23 12.74 14.91
CA ALA A 150 2.26 14.17 14.65
C ALA A 150 2.36 14.35 13.15
N ALA A 151 2.09 15.58 12.69
CA ALA A 151 2.17 15.80 11.25
C ALA A 151 3.58 15.51 10.74
N ARG A 152 4.61 15.74 11.58
CA ARG A 152 5.98 15.44 11.17
C ARG A 152 6.21 13.95 10.95
N ASN A 153 5.38 13.09 11.55
CA ASN A 153 5.53 11.65 11.38
C ASN A 153 4.56 11.06 10.38
N VAL A 154 4.00 11.88 9.49
CA VAL A 154 3.25 11.39 8.34
C VAL A 154 4.04 11.75 7.10
N LEU A 155 4.29 10.77 6.24
CA LEU A 155 5.10 10.99 5.05
C LEU A 155 4.20 11.00 3.82
N VAL A 156 4.66 11.70 2.78
CA VAL A 156 3.86 11.95 1.58
C VAL A 156 4.47 11.15 0.44
N LYS A 157 3.82 10.03 0.09
CA LYS A 157 4.26 9.27 -1.07
C LYS A 157 3.89 9.98 -2.37
N THR A 158 2.63 10.38 -2.48
CA THR A 158 2.14 11.29 -3.52
C THR A 158 1.18 12.22 -2.81
N PRO A 159 0.83 13.35 -3.44
CA PRO A 159 0.00 14.33 -2.73
C PRO A 159 -1.29 13.79 -2.14
N GLN A 160 -1.88 12.73 -2.70
CA GLN A 160 -3.09 12.16 -2.11
C GLN A 160 -2.88 10.73 -1.59
N HIS A 161 -1.65 10.41 -1.22
CA HIS A 161 -1.35 9.11 -0.59
C HIS A 161 -0.31 9.35 0.48
N VAL A 162 -0.72 9.32 1.75
CA VAL A 162 0.19 9.58 2.86
C VAL A 162 0.26 8.34 3.74
N LYS A 163 1.36 8.24 4.49
CA LYS A 163 1.59 7.06 5.32
C LYS A 163 2.17 7.48 6.67
N ILE A 164 1.73 6.80 7.72
CA ILE A 164 2.25 7.03 9.07
C ILE A 164 3.58 6.31 9.24
N THR A 165 4.53 6.94 9.93
CA THR A 165 5.82 6.30 10.18
C THR A 165 6.18 6.45 11.66
N ASP A 166 7.24 5.72 12.05
CA ASP A 166 7.84 5.85 13.38
C ASP A 166 6.87 5.48 14.51
N PHE A 167 5.99 4.51 14.27
CA PHE A 167 5.19 3.98 15.37
C PHE A 167 6.03 2.98 16.16
N GLY A 168 5.77 2.88 17.46
CA GLY A 168 6.46 1.91 18.28
C GLY A 168 7.88 2.26 18.69
N LEU A 169 8.33 3.48 18.40
CA LEU A 169 9.63 3.92 18.92
C LEU A 169 9.50 4.39 20.36
N VAL A 187 10.74 14.28 24.25
CA VAL A 187 9.37 14.00 24.69
C VAL A 187 8.41 14.98 24.01
N PRO A 188 7.47 14.47 23.22
CA PRO A 188 6.56 15.35 22.45
C PRO A 188 5.37 15.82 23.27
N ILE A 189 5.66 16.69 24.25
CA ILE A 189 4.65 17.08 25.23
C ILE A 189 3.41 17.68 24.56
N LYS A 190 3.61 18.54 23.56
CA LYS A 190 2.47 19.24 22.96
C LYS A 190 1.55 18.34 22.15
N TRP A 191 1.93 17.09 21.88
CA TRP A 191 1.06 16.13 21.20
C TRP A 191 0.49 15.06 22.12
N MET A 192 0.89 15.05 23.40
CA MET A 192 0.56 13.95 24.29
C MET A 192 -0.73 14.20 25.05
N ALA A 193 -1.47 13.13 25.27
CA ALA A 193 -2.67 13.27 26.09
C ALA A 193 -2.25 13.53 27.53
N LEU A 194 -3.16 14.14 28.29
CA LEU A 194 -2.82 14.54 29.65
C LEU A 194 -2.38 13.35 30.49
N GLU A 195 -3.04 12.20 30.34
CA GLU A 195 -2.64 11.03 31.11
C GLU A 195 -1.25 10.55 30.73
N SER A 196 -0.82 10.78 29.50
CA SER A 196 0.55 10.43 29.13
C SER A 196 1.56 11.36 29.79
N ILE A 197 1.25 12.65 29.85
CA ILE A 197 2.17 13.59 30.49
C ILE A 197 2.29 13.27 31.98
N LEU A 198 1.15 13.12 32.65
CA LEU A 198 1.14 13.01 34.10
C LEU A 198 1.47 11.60 34.59
N HIS A 199 1.01 10.56 33.89
CA HIS A 199 1.12 9.20 34.41
C HIS A 199 1.88 8.24 33.51
N ARG A 200 2.44 8.71 32.40
CA ARG A 200 3.17 7.85 31.46
C ARG A 200 2.29 6.71 30.95
N ILE A 201 1.01 7.00 30.75
CA ILE A 201 0.03 6.03 30.28
C ILE A 201 -0.16 6.25 28.79
N TYR A 202 0.08 5.22 27.98
CA TYR A 202 -0.09 5.31 26.53
C TYR A 202 -1.05 4.21 26.05
N THR A 203 -2.12 4.62 25.39
CA THR A 203 -3.12 3.69 24.86
C THR A 203 -3.53 4.16 23.48
N HIS A 204 -4.40 3.36 22.85
CA HIS A 204 -5.01 3.78 21.60
C HIS A 204 -5.75 5.10 21.78
N GLN A 205 -6.40 5.30 22.92
CA GLN A 205 -7.11 6.55 23.16
C GLN A 205 -6.15 7.73 23.34
N SER A 206 -4.96 7.49 23.88
CA SER A 206 -3.98 8.58 23.91
C SER A 206 -3.48 8.90 22.50
N ASP A 207 -3.42 7.90 21.61
CA ASP A 207 -3.12 8.17 20.21
C ASP A 207 -4.20 9.03 19.56
N VAL A 208 -5.47 8.84 19.95
CA VAL A 208 -6.55 9.66 19.41
C VAL A 208 -6.33 11.13 19.74
N TRP A 209 -5.86 11.40 20.96
CA TRP A 209 -5.53 12.78 21.31
C TRP A 209 -4.49 13.35 20.37
N SER A 210 -3.41 12.59 20.12
CA SER A 210 -2.39 13.07 19.19
C SER A 210 -2.95 13.24 17.79
N TYR A 211 -3.87 12.35 17.39
CA TYR A 211 -4.54 12.51 16.11
C TYR A 211 -5.24 13.85 16.03
N GLY A 212 -5.94 14.23 17.11
CA GLY A 212 -6.59 15.53 17.12
C GLY A 212 -5.62 16.67 16.95
N VAL A 213 -4.47 16.61 17.62
CA VAL A 213 -3.46 17.65 17.43
C VAL A 213 -2.92 17.62 16.00
N THR A 214 -2.70 16.42 15.46
CA THR A 214 -2.23 16.31 14.07
C THR A 214 -3.22 16.93 13.11
N VAL A 215 -4.51 16.68 13.31
CA VAL A 215 -5.52 17.29 12.45
C VAL A 215 -5.47 18.81 12.58
N TRP A 216 -5.28 19.31 13.82
CA TRP A 216 -5.15 20.75 14.02
C TRP A 216 -3.97 21.32 13.24
N GLU A 217 -2.84 20.61 13.22
CA GLU A 217 -1.70 21.06 12.41
C GLU A 217 -2.07 21.17 10.95
N LEU A 218 -2.80 20.17 10.42
CA LEU A 218 -3.17 20.23 9.00
C LEU A 218 -4.11 21.40 8.73
N MET A 219 -5.10 21.59 9.59
CA MET A 219 -6.10 22.63 9.37
C MET A 219 -5.54 24.04 9.54
N THR A 220 -4.42 24.19 10.25
CA THR A 220 -3.73 25.48 10.34
C THR A 220 -2.57 25.57 9.37
N PHE A 221 -2.46 24.61 8.44
CA PHE A 221 -1.38 24.58 7.45
C PHE A 221 -0.01 24.62 8.13
N GLY A 222 0.12 23.84 9.20
CA GLY A 222 1.40 23.62 9.81
C GLY A 222 1.79 24.54 10.94
N SER A 223 0.84 25.19 11.61
CA SER A 223 1.18 26.02 12.75
C SER A 223 1.71 25.15 13.89
N LYS A 224 2.47 25.78 14.78
CA LYS A 224 2.97 25.10 15.95
C LYS A 224 1.90 25.12 17.05
N PRO A 225 1.56 23.97 17.62
CA PRO A 225 0.55 23.96 18.68
C PRO A 225 1.08 24.65 19.94
N TYR A 226 0.25 25.47 20.54
CA TYR A 226 0.62 26.24 21.74
C TYR A 226 1.90 27.03 21.52
N ASP A 227 1.96 27.74 20.39
CA ASP A 227 3.23 28.34 19.98
C ASP A 227 3.68 29.40 20.98
N GLY A 228 4.95 29.35 21.34
CA GLY A 228 5.51 30.25 22.33
C GLY A 228 5.20 29.92 23.77
N ILE A 229 4.62 28.75 24.04
CA ILE A 229 4.33 28.32 25.41
C ILE A 229 5.31 27.21 25.77
N PRO A 230 6.02 27.33 26.90
CA PRO A 230 6.97 26.29 27.27
C PRO A 230 6.29 24.95 27.46
N ALA A 231 6.99 23.88 27.12
CA ALA A 231 6.41 22.54 27.26
C ALA A 231 6.06 22.25 28.71
N SER A 232 6.81 22.83 29.65
CA SER A 232 6.55 22.58 31.06
C SER A 232 5.22 23.17 31.54
N GLU A 233 4.67 24.15 30.82
CA GLU A 233 3.39 24.74 31.19
C GLU A 233 2.20 24.04 30.56
N ILE A 234 2.42 23.09 29.65
CA ILE A 234 1.32 22.49 28.90
C ILE A 234 0.36 21.76 29.84
N SER A 235 0.89 20.99 30.78
CA SER A 235 0.01 20.23 31.66
C SER A 235 -0.94 21.16 32.43
N SER A 236 -0.43 22.28 32.95
CA SER A 236 -1.29 23.16 33.71
C SER A 236 -2.35 23.82 32.82
N ILE A 237 -2.01 24.22 31.60
CA ILE A 237 -3.08 24.83 30.80
C ILE A 237 -4.13 23.80 30.41
N LEU A 238 -3.72 22.55 30.15
CA LEU A 238 -4.71 21.50 29.90
C LEU A 238 -5.54 21.22 31.15
N GLU A 239 -4.89 21.20 32.32
CA GLU A 239 -5.60 21.01 33.57
C GLU A 239 -6.64 22.11 33.79
N LYS A 240 -6.32 23.32 33.34
CA LYS A 240 -7.20 24.48 33.38
C LYS A 240 -8.36 24.39 32.39
N GLY A 241 -8.34 23.42 31.47
CA GLY A 241 -9.42 23.26 30.51
C GLY A 241 -9.20 23.96 29.19
N GLU A 242 -8.05 24.60 28.99
CA GLU A 242 -7.75 25.24 27.72
C GLU A 242 -7.35 24.19 26.70
N ARG A 243 -7.62 24.48 25.43
CA ARG A 243 -7.33 23.58 24.32
C ARG A 243 -6.83 24.40 23.14
N LEU A 244 -6.36 23.73 22.11
CA LEU A 244 -5.95 24.43 20.88
C LEU A 244 -7.15 25.17 20.29
N PRO A 245 -6.95 26.36 19.75
CA PRO A 245 -8.09 27.16 19.25
C PRO A 245 -8.65 26.60 17.96
N GLN A 246 -9.85 27.03 17.63
CA GLN A 246 -10.50 26.60 16.39
C GLN A 246 -9.77 27.20 15.19
N PRO A 247 -9.28 26.39 14.24
CA PRO A 247 -8.65 26.95 13.04
C PRO A 247 -9.65 27.78 12.24
N PRO A 248 -9.19 28.87 11.60
CA PRO A 248 -10.14 29.71 10.85
C PRO A 248 -10.90 28.96 9.77
N ILE A 249 -10.28 28.01 9.08
CA ILE A 249 -11.00 27.30 8.02
C ILE A 249 -12.01 26.28 8.55
N CYS A 250 -11.94 25.91 9.83
CA CYS A 250 -12.77 24.82 10.30
C CYS A 250 -14.15 25.29 10.68
N THR A 251 -15.17 24.64 10.12
CA THR A 251 -16.51 24.82 10.63
C THR A 251 -16.63 24.12 11.97
N ILE A 252 -17.73 24.40 12.66
CA ILE A 252 -17.91 23.88 14.01
C ILE A 252 -17.96 22.36 14.02
N ASP A 253 -18.53 21.75 12.97
CA ASP A 253 -18.60 20.29 12.93
C ASP A 253 -17.22 19.67 12.97
N VAL A 254 -16.27 20.24 12.22
CA VAL A 254 -14.91 19.72 12.21
C VAL A 254 -14.22 19.99 13.54
N TYR A 255 -14.37 21.21 14.08
CA TYR A 255 -13.68 21.54 15.32
C TYR A 255 -14.18 20.70 16.48
N MET A 256 -15.48 20.40 16.49
CA MET A 256 -16.05 19.58 17.56
C MET A 256 -15.41 18.21 17.59
N ILE A 257 -15.07 17.66 16.42
CA ILE A 257 -14.41 16.36 16.37
C ILE A 257 -13.03 16.45 17.01
N MET A 258 -12.25 17.47 16.64
CA MET A 258 -10.95 17.68 17.27
C MET A 258 -11.08 17.83 18.76
N ARG A 259 -12.08 18.59 19.20
CA ARG A 259 -12.27 18.85 20.62
C ARG A 259 -12.54 17.58 21.40
N LYS A 260 -13.32 16.66 20.81
CA LYS A 260 -13.61 15.40 21.49
C LYS A 260 -12.36 14.54 21.66
N CYS A 261 -11.40 14.68 20.74
CA CYS A 261 -10.13 13.97 20.89
C CYS A 261 -9.34 14.42 22.12
N TRP A 262 -9.63 15.61 22.65
CA TRP A 262 -8.91 16.20 23.77
C TRP A 262 -9.72 16.18 25.06
N MET A 263 -10.69 15.29 25.16
CA MET A 263 -11.41 15.13 26.42
C MET A 263 -10.50 14.44 27.42
N ILE A 264 -10.62 14.86 28.70
CA ILE A 264 -9.80 14.29 29.76
C ILE A 264 -10.09 12.80 29.95
N ASP A 265 -11.37 12.42 29.89
CA ASP A 265 -11.75 11.02 29.96
C ASP A 265 -11.43 10.34 28.64
N ALA A 266 -10.43 9.46 28.65
CA ALA A 266 -9.94 8.86 27.41
C ALA A 266 -11.02 8.04 26.71
N ASP A 267 -11.88 7.40 27.50
CA ASP A 267 -12.98 6.58 26.98
C ASP A 267 -14.02 7.42 26.25
N SER A 268 -14.10 8.71 26.54
CA SER A 268 -15.06 9.58 25.87
C SER A 268 -14.55 10.11 24.54
N ARG A 269 -13.27 9.94 24.23
CA ARG A 269 -12.74 10.35 22.94
C ARG A 269 -13.29 9.44 21.84
N PRO A 270 -13.36 9.93 20.60
CA PRO A 270 -13.80 9.05 19.51
C PRO A 270 -12.80 7.92 19.29
N LYS A 271 -13.29 6.83 18.70
CA LYS A 271 -12.40 5.77 18.27
C LYS A 271 -12.00 6.00 16.82
N PHE A 272 -10.86 5.44 16.44
CA PHE A 272 -10.38 5.66 15.07
C PHE A 272 -11.38 5.14 14.04
N ARG A 273 -12.11 4.06 14.36
CA ARG A 273 -13.14 3.57 13.45
C ARG A 273 -14.21 4.62 13.22
N GLU A 274 -14.61 5.34 14.27
CA GLU A 274 -15.61 6.40 14.13
C GLU A 274 -15.04 7.59 13.36
N LEU A 275 -13.76 7.90 13.55
CA LEU A 275 -13.13 9.01 12.83
C LEU A 275 -13.07 8.75 11.34
N ILE A 276 -12.80 7.49 10.95
CA ILE A 276 -12.78 7.15 9.53
C ILE A 276 -14.14 7.48 8.92
N ILE A 277 -15.21 7.07 9.59
CA ILE A 277 -16.56 7.27 9.06
C ILE A 277 -16.89 8.76 8.96
N GLU A 278 -16.60 9.51 10.02
CA GLU A 278 -16.95 10.92 10.05
C GLU A 278 -16.17 11.71 9.00
N PHE A 279 -14.85 11.50 8.92
CA PHE A 279 -14.08 12.24 7.93
C PHE A 279 -14.35 11.76 6.51
N SER A 280 -14.69 10.48 6.33
CA SER A 280 -15.08 10.02 5.00
C SER A 280 -16.38 10.67 4.55
N LYS A 281 -17.32 10.85 5.48
CA LYS A 281 -18.55 11.55 5.16
C LYS A 281 -18.26 12.99 4.75
N MET A 282 -17.37 13.67 5.48
CA MET A 282 -17.08 15.06 5.16
C MET A 282 -16.31 15.17 3.84
N ALA A 283 -15.43 14.21 3.55
CA ALA A 283 -14.71 14.25 2.29
C ALA A 283 -15.65 14.11 1.08
N ARG A 284 -16.86 13.58 1.28
CA ARG A 284 -17.84 13.53 0.20
C ARG A 284 -18.39 14.92 -0.14
N ASP A 285 -18.35 15.86 0.80
CA ASP A 285 -18.85 17.22 0.62
C ASP A 285 -17.86 18.20 1.26
N PRO A 286 -16.67 18.36 0.67
CA PRO A 286 -15.59 19.03 1.42
C PRO A 286 -15.87 20.49 1.70
N GLN A 287 -16.43 21.22 0.74
CA GLN A 287 -16.66 22.65 0.89
C GLN A 287 -17.65 22.97 2.00
N ARG A 288 -18.49 22.01 2.36
CA ARG A 288 -19.42 22.22 3.47
C ARG A 288 -18.68 22.30 4.80
N TYR A 289 -17.57 21.57 4.95
CA TYR A 289 -16.93 21.44 6.24
C TYR A 289 -15.66 22.27 6.42
N LEU A 290 -15.02 22.73 5.36
CA LEU A 290 -13.85 23.59 5.48
C LEU A 290 -14.05 24.80 4.58
N VAL A 291 -13.78 25.99 5.10
CA VAL A 291 -14.01 27.23 4.35
C VAL A 291 -12.64 27.78 4.00
N ILE A 292 -12.23 27.60 2.75
CA ILE A 292 -10.92 27.99 2.28
C ILE A 292 -11.08 28.93 1.10
N GLN A 293 -10.29 30.01 1.09
CA GLN A 293 -10.36 30.98 0.00
C GLN A 293 -9.84 30.35 -1.29
N GLY A 294 -10.61 30.48 -2.36
CA GLY A 294 -10.25 29.90 -3.64
C GLY A 294 -10.35 28.38 -3.70
N ASP A 295 -11.38 27.82 -3.08
CA ASP A 295 -11.57 26.36 -3.01
C ASP A 295 -12.58 25.89 -4.06
N PRO B 10 -16.58 8.85 -5.89
CA PRO B 10 -16.51 10.01 -6.80
C PRO B 10 -15.52 11.06 -6.31
N ASN B 11 -14.48 10.61 -5.61
CA ASN B 11 -13.50 11.50 -4.98
C ASN B 11 -12.51 11.94 -6.06
N GLN B 12 -12.79 13.09 -6.67
CA GLN B 12 -12.02 13.54 -7.82
C GLN B 12 -10.55 13.78 -7.48
N ALA B 13 -10.27 14.30 -6.28
CA ALA B 13 -8.88 14.62 -5.95
C ALA B 13 -7.97 13.42 -5.84
N LEU B 14 -8.49 12.19 -5.89
CA LEU B 14 -7.60 11.04 -5.84
C LEU B 14 -6.88 10.83 -7.16
N LEU B 15 -7.44 11.32 -8.27
CA LEU B 15 -6.83 11.15 -9.59
C LEU B 15 -6.16 12.47 -9.98
N ARG B 16 -4.87 12.40 -10.31
CA ARG B 16 -4.15 13.57 -10.78
C ARG B 16 -4.40 13.73 -12.28
N ILE B 17 -4.78 14.93 -12.68
CA ILE B 17 -4.89 15.28 -14.09
C ILE B 17 -3.55 15.85 -14.51
N LEU B 18 -2.84 15.13 -15.37
CA LEU B 18 -1.48 15.49 -15.71
C LEU B 18 -1.42 16.28 -17.01
N LYS B 19 -0.43 17.18 -17.08
CA LYS B 19 -0.07 17.81 -18.34
C LYS B 19 0.97 16.96 -19.05
N GLU B 20 0.99 17.03 -20.39
CA GLU B 20 1.96 16.24 -21.13
C GLU B 20 3.39 16.63 -20.78
N THR B 21 3.61 17.88 -20.37
CA THR B 21 4.92 18.33 -19.93
C THR B 21 5.35 17.72 -18.59
N GLU B 22 4.40 17.29 -17.75
CA GLU B 22 4.70 16.84 -16.39
C GLU B 22 5.38 15.48 -16.32
N PHE B 23 5.44 14.73 -17.43
CA PHE B 23 6.02 13.39 -17.40
C PHE B 23 6.77 13.13 -18.70
N LYS B 24 7.69 12.18 -18.65
CA LYS B 24 8.50 11.82 -19.81
C LYS B 24 8.64 10.31 -19.88
N LYS B 25 8.49 9.77 -21.09
CA LYS B 25 8.68 8.35 -21.35
C LYS B 25 10.16 8.09 -21.66
N ILE B 26 10.74 7.07 -21.01
CA ILE B 26 12.16 6.78 -21.12
C ILE B 26 12.43 5.52 -21.93
N LYS B 27 11.80 4.40 -21.57
CA LYS B 27 12.04 3.15 -22.28
C LYS B 27 10.74 2.37 -22.33
N VAL B 28 10.60 1.53 -23.33
CA VAL B 28 9.44 0.66 -23.43
C VAL B 28 9.63 -0.51 -22.47
N LEU B 29 8.65 -0.75 -21.61
CA LEU B 29 8.68 -1.93 -20.75
C LEU B 29 7.94 -3.11 -21.36
N GLY B 30 6.83 -2.85 -22.04
CA GLY B 30 6.06 -3.91 -22.66
C GLY B 30 5.02 -3.31 -23.57
N SER B 31 4.56 -4.14 -24.50
CA SER B 31 3.53 -3.73 -25.44
C SER B 31 2.57 -4.89 -25.69
N GLY B 32 1.35 -4.56 -26.06
CA GLY B 32 0.35 -5.56 -26.33
C GLY B 32 -0.80 -4.98 -27.11
N ALA B 33 -1.90 -5.74 -27.15
CA ALA B 33 -3.09 -5.28 -27.87
C ALA B 33 -3.67 -4.01 -27.26
N PHE B 34 -3.68 -3.93 -25.93
CA PHE B 34 -4.22 -2.76 -25.24
C PHE B 34 -3.39 -1.51 -25.50
N GLY B 35 -2.07 -1.66 -25.60
CA GLY B 35 -1.21 -0.51 -25.79
C GLY B 35 0.22 -0.82 -25.38
N THR B 36 0.94 0.23 -24.99
CA THR B 36 2.35 0.15 -24.68
C THR B 36 2.61 0.77 -23.32
N VAL B 37 3.42 0.08 -22.51
CA VAL B 37 3.79 0.57 -21.19
C VAL B 37 5.25 1.00 -21.23
N TYR B 38 5.50 2.20 -20.74
CA TYR B 38 6.82 2.79 -20.69
C TYR B 38 7.25 2.95 -19.24
N LYS B 39 8.55 2.84 -19.02
CA LYS B 39 9.16 3.34 -17.80
C LYS B 39 9.42 4.82 -18.01
N GLY B 40 9.12 5.62 -17.00
CA GLY B 40 9.28 7.04 -17.19
C GLY B 40 9.48 7.76 -15.88
N LEU B 41 9.37 9.07 -15.95
CA LEU B 41 9.51 9.95 -14.81
C LEU B 41 8.30 10.88 -14.75
N TRP B 42 7.78 11.07 -13.55
CA TRP B 42 6.75 12.06 -13.28
C TRP B 42 7.40 13.25 -12.58
N ILE B 43 7.27 14.43 -13.19
CA ILE B 43 7.95 15.61 -12.67
C ILE B 43 6.87 16.66 -12.43
N PRO B 44 6.14 16.58 -11.33
CA PRO B 44 5.01 17.50 -11.12
C PRO B 44 5.47 18.96 -11.05
N GLU B 45 4.66 19.83 -11.66
CA GLU B 45 4.97 21.25 -11.69
C GLU B 45 4.91 21.83 -10.28
N GLY B 46 5.87 22.68 -9.97
CA GLY B 46 5.95 23.31 -8.66
C GLY B 46 6.67 22.51 -7.60
N GLU B 47 7.20 21.34 -7.94
CA GLU B 47 7.94 20.51 -7.01
C GLU B 47 9.36 20.33 -7.56
N LYS B 48 10.23 19.76 -6.74
CA LYS B 48 11.61 19.50 -7.11
C LYS B 48 11.89 18.01 -7.07
N VAL B 49 10.93 17.20 -7.51
CA VAL B 49 11.04 15.75 -7.45
C VAL B 49 10.82 15.15 -8.84
N LYS B 50 11.55 14.08 -9.12
CA LYS B 50 11.37 13.28 -10.32
C LYS B 50 11.06 11.87 -9.85
N ILE B 51 9.88 11.39 -10.16
CA ILE B 51 9.33 10.16 -9.57
C ILE B 51 9.25 9.09 -10.64
N PRO B 52 9.85 7.92 -10.44
CA PRO B 52 9.72 6.85 -11.43
C PRO B 52 8.28 6.34 -11.49
N VAL B 53 7.76 6.21 -12.69
CA VAL B 53 6.40 5.77 -12.89
C VAL B 53 6.37 4.82 -14.09
N ALA B 54 5.25 4.13 -14.24
CA ALA B 54 4.94 3.45 -15.47
C ALA B 54 3.86 4.24 -16.19
N ILE B 55 4.03 4.38 -17.50
CA ILE B 55 3.12 5.15 -18.33
C ILE B 55 2.57 4.21 -19.39
N LYS B 56 1.26 4.08 -19.43
CA LYS B 56 0.60 3.23 -20.42
C LYS B 56 -0.15 4.14 -21.37
N GLU B 57 0.20 4.05 -22.66
CA GLU B 57 -0.46 4.80 -23.72
C GLU B 57 -1.32 3.81 -24.48
N LEU B 58 -2.62 4.07 -24.57
CA LEU B 58 -3.51 3.12 -25.22
C LEU B 58 -3.33 3.17 -26.74
N ARG B 59 -3.49 2.00 -27.36
CA ARG B 59 -3.32 1.86 -28.80
C ARG B 59 -4.35 2.67 -29.59
N GLU B 60 -5.57 2.80 -29.07
CA GLU B 60 -6.62 3.49 -29.80
C GLU B 60 -6.67 4.97 -29.41
N ALA B 61 -6.82 5.83 -30.42
CA ALA B 61 -6.82 7.28 -30.24
C ALA B 61 -8.07 7.74 -29.49
N THR B 62 -7.92 8.86 -28.77
CA THR B 62 -9.01 9.40 -27.97
C THR B 62 -10.20 9.79 -28.85
N SER B 63 -11.40 9.63 -28.28
CA SER B 63 -12.66 9.96 -28.91
C SER B 63 -13.53 10.52 -27.80
N PRO B 64 -14.14 11.69 -28.00
CA PRO B 64 -14.94 12.29 -26.90
C PRO B 64 -15.98 11.37 -26.29
N LYS B 65 -16.67 10.56 -27.10
CA LYS B 65 -17.58 9.56 -26.53
C LYS B 65 -16.81 8.60 -25.62
N ALA B 66 -15.69 8.08 -26.12
CA ALA B 66 -14.89 7.16 -25.31
C ALA B 66 -14.19 7.88 -24.17
N ASN B 67 -13.91 9.18 -24.31
CA ASN B 67 -13.16 9.88 -23.27
C ASN B 67 -13.98 10.09 -22.00
N LYS B 68 -15.31 10.23 -22.12
CA LYS B 68 -16.12 10.37 -20.90
C LYS B 68 -16.07 9.07 -20.10
N GLU B 69 -16.26 7.93 -20.78
CA GLU B 69 -16.19 6.64 -20.11
C GLU B 69 -14.80 6.38 -19.53
N ILE B 70 -13.76 6.72 -20.29
CA ILE B 70 -12.38 6.50 -19.84
C ILE B 70 -12.11 7.30 -18.57
N LEU B 71 -12.56 8.55 -18.53
CA LEU B 71 -12.33 9.36 -17.34
C LEU B 71 -13.10 8.81 -16.14
N ASP B 72 -14.37 8.41 -16.36
CA ASP B 72 -15.15 7.83 -15.27
C ASP B 72 -14.46 6.61 -14.69
N GLU B 73 -13.96 5.73 -15.56
CA GLU B 73 -13.25 4.54 -15.10
C GLU B 73 -11.96 4.92 -14.37
N ALA B 74 -11.29 5.97 -14.83
CA ALA B 74 -10.04 6.37 -14.19
C ALA B 74 -10.28 6.85 -12.76
N TYR B 75 -11.38 7.55 -12.54
CA TYR B 75 -11.71 7.97 -11.18
C TYR B 75 -11.91 6.76 -10.28
N VAL B 76 -12.52 5.71 -10.81
CA VAL B 76 -12.71 4.48 -10.04
C VAL B 76 -11.37 3.83 -9.73
N MET B 77 -10.50 3.68 -10.74
CA MET B 77 -9.24 3.00 -10.50
C MET B 77 -8.30 3.80 -9.61
N ALA B 78 -8.50 5.11 -9.51
CA ALA B 78 -7.74 5.92 -8.57
C ALA B 78 -8.27 5.82 -7.15
N SER B 79 -9.48 5.30 -6.96
CA SER B 79 -10.10 5.25 -5.65
C SER B 79 -9.81 3.95 -4.89
N VAL B 80 -9.14 2.98 -5.51
CA VAL B 80 -8.83 1.76 -4.78
C VAL B 80 -7.76 2.05 -3.73
N ASP B 81 -7.85 1.34 -2.61
CA ASP B 81 -7.00 1.62 -1.47
C ASP B 81 -6.77 0.30 -0.74
N ASN B 82 -5.85 -0.50 -1.27
CA ASN B 82 -5.52 -1.81 -0.71
C ASN B 82 -4.08 -2.13 -1.11
N PRO B 83 -3.29 -2.68 -0.19
CA PRO B 83 -1.86 -2.88 -0.47
C PRO B 83 -1.58 -3.88 -1.56
N HIS B 84 -2.57 -4.69 -1.94
CA HIS B 84 -2.35 -5.72 -2.95
C HIS B 84 -3.15 -5.48 -4.21
N VAL B 85 -3.51 -4.23 -4.47
CA VAL B 85 -4.20 -3.81 -5.68
CA VAL B 85 -4.15 -3.85 -5.72
C VAL B 85 -3.50 -2.56 -6.21
N CYS B 86 -3.20 -2.53 -7.49
CA CYS B 86 -2.57 -1.35 -8.08
C CYS B 86 -3.58 -0.21 -8.14
N ARG B 87 -3.10 1.00 -7.89
CA ARG B 87 -3.93 2.20 -7.93
C ARG B 87 -3.49 3.09 -9.09
N LEU B 88 -4.47 3.64 -9.80
CA LEU B 88 -4.16 4.59 -10.88
C LEU B 88 -3.78 5.94 -10.27
N LEU B 89 -2.60 6.43 -10.63
CA LEU B 89 -2.11 7.69 -10.07
C LEU B 89 -2.64 8.89 -10.84
N GLY B 90 -2.59 8.83 -12.17
CA GLY B 90 -2.94 10.00 -12.95
C GLY B 90 -3.28 9.63 -14.37
N ILE B 91 -3.80 10.62 -15.10
CA ILE B 91 -4.17 10.42 -16.49
C ILE B 91 -3.87 11.70 -17.26
N CYS B 92 -3.52 11.54 -18.53
CA CYS B 92 -3.28 12.66 -19.43
C CYS B 92 -4.05 12.40 -20.71
N LEU B 93 -4.96 13.30 -21.05
CA LEU B 93 -5.81 13.14 -22.21
C LEU B 93 -5.39 14.15 -23.25
N THR B 94 -4.93 13.66 -24.40
CA THR B 94 -4.57 14.53 -25.52
C THR B 94 -5.10 13.87 -26.78
N SER B 95 -4.27 13.80 -27.82
CA SER B 95 -4.57 12.93 -28.94
C SER B 95 -4.58 11.47 -28.50
N THR B 96 -3.79 11.13 -27.49
CA THR B 96 -3.72 9.78 -26.94
C THR B 96 -4.16 9.77 -25.48
N VAL B 97 -4.49 8.58 -25.00
CA VAL B 97 -4.81 8.36 -23.58
C VAL B 97 -3.54 7.84 -22.94
N GLN B 98 -3.07 8.52 -21.90
CA GLN B 98 -1.90 8.06 -21.18
C GLN B 98 -2.21 7.97 -19.69
N LEU B 99 -1.89 6.81 -19.12
CA LEU B 99 -2.25 6.42 -17.76
C LEU B 99 -0.96 6.22 -16.98
N ILE B 100 -0.89 6.82 -15.79
CA ILE B 100 0.32 6.83 -14.99
C ILE B 100 0.05 6.14 -13.67
N MET B 101 0.94 5.22 -13.28
CA MET B 101 0.89 4.68 -11.93
C MET B 101 2.33 4.41 -11.48
N GLN B 102 2.50 4.12 -10.18
CA GLN B 102 3.84 3.92 -9.69
CA GLN B 102 3.81 3.87 -9.64
C GLN B 102 4.50 2.74 -10.40
N LEU B 103 5.81 2.85 -10.58
CA LEU B 103 6.58 1.78 -11.20
C LEU B 103 6.69 0.60 -10.24
N MET B 104 6.43 -0.61 -10.75
CA MET B 104 6.67 -1.82 -9.96
C MET B 104 8.00 -2.38 -10.45
N PRO B 105 9.10 -2.14 -9.74
CA PRO B 105 10.43 -2.35 -10.35
C PRO B 105 10.74 -3.77 -10.73
N PHE B 106 10.12 -4.77 -10.10
CA PHE B 106 10.44 -6.15 -10.40
C PHE B 106 9.53 -6.74 -11.48
N GLY B 107 8.64 -5.96 -12.08
CA GLY B 107 7.88 -6.46 -13.22
C GLY B 107 6.75 -7.39 -12.82
N CYS B 108 6.27 -8.18 -13.78
CA CYS B 108 5.15 -9.06 -13.49
C CYS B 108 5.63 -10.30 -12.76
N LEU B 109 4.74 -10.87 -11.95
CA LEU B 109 5.08 -12.01 -11.12
C LEU B 109 5.37 -13.26 -11.93
N LEU B 110 4.68 -13.43 -13.08
CA LEU B 110 4.94 -14.57 -13.94
C LEU B 110 6.39 -14.60 -14.40
N ASP B 111 6.89 -13.46 -14.88
CA ASP B 111 8.29 -13.39 -15.28
C ASP B 111 9.23 -13.57 -14.09
N TYR B 112 8.81 -13.10 -12.92
CA TYR B 112 9.69 -13.18 -11.75
C TYR B 112 9.89 -14.61 -11.29
N VAL B 113 8.82 -15.41 -11.24
CA VAL B 113 8.99 -16.78 -10.78
C VAL B 113 9.75 -17.60 -11.82
N ARG B 114 9.59 -17.27 -13.10
CA ARG B 114 10.36 -17.97 -14.14
C ARG B 114 11.85 -17.67 -14.01
N GLU B 115 12.20 -16.40 -13.78
CA GLU B 115 13.59 -15.99 -13.72
C GLU B 115 14.28 -16.37 -12.40
N HIS B 116 13.52 -16.66 -11.34
CA HIS B 116 14.10 -17.09 -10.08
C HIS B 116 13.67 -18.50 -9.70
N LYS B 117 13.43 -19.36 -10.70
CA LYS B 117 12.84 -20.67 -10.45
C LYS B 117 13.60 -21.49 -9.40
N ASP B 118 14.91 -21.27 -9.28
CA ASP B 118 15.73 -22.02 -8.34
C ASP B 118 16.02 -21.30 -7.03
N ASN B 119 15.62 -20.03 -6.89
CA ASN B 119 16.00 -19.23 -5.72
C ASN B 119 14.80 -18.72 -4.93
N ILE B 120 13.62 -19.32 -5.10
CA ILE B 120 12.40 -18.86 -4.44
C ILE B 120 12.01 -19.91 -3.41
N GLY B 121 11.89 -19.47 -2.15
CA GLY B 121 11.55 -20.39 -1.08
C GLY B 121 10.06 -20.47 -0.82
N SER B 122 9.70 -21.42 0.05
CA SER B 122 8.29 -21.69 0.34
C SER B 122 7.60 -20.51 0.98
N GLN B 123 8.32 -19.75 1.81
CA GLN B 123 7.68 -18.61 2.47
C GLN B 123 7.25 -17.57 1.45
N TYR B 124 8.08 -17.32 0.43
CA TYR B 124 7.74 -16.35 -0.61
C TYR B 124 6.47 -16.78 -1.34
N LEU B 125 6.42 -18.06 -1.76
CA LEU B 125 5.31 -18.55 -2.57
C LEU B 125 3.98 -18.47 -1.81
N LEU B 126 3.98 -18.94 -0.56
CA LEU B 126 2.73 -18.90 0.22
C LEU B 126 2.31 -17.47 0.52
N ASN B 127 3.27 -16.58 0.82
CA ASN B 127 2.92 -15.19 1.06
C ASN B 127 2.27 -14.56 -0.18
N TRP B 128 2.77 -14.87 -1.37
CA TRP B 128 2.14 -14.37 -2.60
C TRP B 128 0.70 -14.86 -2.71
N CYS B 129 0.46 -16.13 -2.38
CA CYS B 129 -0.90 -16.66 -2.42
C CYS B 129 -1.82 -15.89 -1.48
N VAL B 130 -1.33 -15.54 -0.29
CA VAL B 130 -2.13 -14.75 0.64
C VAL B 130 -2.44 -13.38 0.05
N GLN B 131 -1.41 -12.69 -0.45
CA GLN B 131 -1.57 -11.32 -0.91
C GLN B 131 -2.52 -11.25 -2.10
N ILE B 132 -2.43 -12.20 -3.03
CA ILE B 132 -3.33 -12.19 -4.18
C ILE B 132 -4.76 -12.43 -3.73
N ALA B 133 -4.95 -13.37 -2.80
CA ALA B 133 -6.28 -13.62 -2.28
C ALA B 133 -6.83 -12.40 -1.57
N LYS B 134 -5.99 -11.69 -0.82
CA LYS B 134 -6.44 -10.46 -0.16
C LYS B 134 -6.85 -9.42 -1.19
N GLY B 135 -6.02 -9.24 -2.21
CA GLY B 135 -6.35 -8.29 -3.26
C GLY B 135 -7.66 -8.63 -3.96
N MET B 136 -7.86 -9.91 -4.31
CA MET B 136 -9.10 -10.33 -4.95
C MET B 136 -10.29 -10.14 -4.04
N ASN B 137 -10.14 -10.48 -2.76
CA ASN B 137 -11.23 -10.28 -1.80
C ASN B 137 -11.63 -8.82 -1.75
N TYR B 138 -10.64 -7.92 -1.77
CA TYR B 138 -10.91 -6.48 -1.78
C TYR B 138 -11.69 -6.08 -3.02
N LEU B 139 -11.26 -6.55 -4.19
CA LEU B 139 -11.92 -6.22 -5.44
C LEU B 139 -13.38 -6.70 -5.44
N GLU B 140 -13.63 -7.91 -4.94
CA GLU B 140 -15.01 -8.39 -4.87
C GLU B 140 -15.84 -7.57 -3.90
N ASP B 141 -15.25 -7.16 -2.77
CA ASP B 141 -15.99 -6.34 -1.81
C ASP B 141 -16.38 -5.00 -2.42
N ARG B 142 -15.53 -4.43 -3.27
CA ARG B 142 -15.87 -3.20 -3.95
C ARG B 142 -16.67 -3.44 -5.21
N ARG B 143 -17.06 -4.70 -5.43
CA ARG B 143 -17.94 -5.07 -6.53
C ARG B 143 -17.30 -4.74 -7.87
N LEU B 144 -15.98 -4.79 -7.89
CA LEU B 144 -15.19 -4.70 -9.11
C LEU B 144 -14.87 -6.13 -9.49
N VAL B 145 -15.16 -6.49 -10.73
CA VAL B 145 -14.85 -7.81 -11.23
C VAL B 145 -13.57 -7.70 -12.03
N HIS B 146 -12.58 -8.52 -11.71
CA HIS B 146 -11.32 -8.44 -12.41
C HIS B 146 -11.49 -8.84 -13.86
N ARG B 147 -11.95 -10.08 -14.09
CA ARG B 147 -12.22 -10.73 -15.36
C ARG B 147 -10.96 -11.34 -15.99
N ASP B 148 -9.77 -11.12 -15.44
CA ASP B 148 -8.55 -11.60 -16.09
C ASP B 148 -7.43 -11.88 -15.08
N LEU B 149 -7.71 -12.66 -14.04
CA LEU B 149 -6.66 -12.93 -13.07
C LEU B 149 -5.75 -14.05 -13.59
N ALA B 150 -4.47 -13.74 -13.69
CA ALA B 150 -3.45 -14.70 -14.05
C ALA B 150 -2.15 -14.17 -13.46
N ALA B 151 -1.12 -15.03 -13.41
CA ALA B 151 0.14 -14.59 -12.83
C ALA B 151 0.72 -13.41 -13.61
N ARG B 152 0.42 -13.31 -14.90
CA ARG B 152 0.90 -12.18 -15.69
CA ARG B 152 0.95 -12.17 -15.63
C ARG B 152 0.27 -10.86 -15.25
N ASN B 153 -0.87 -10.92 -14.54
CA ASN B 153 -1.52 -9.69 -14.10
C ASN B 153 -1.25 -9.38 -12.62
N VAL B 154 -0.21 -9.98 -12.06
CA VAL B 154 0.25 -9.63 -10.72
C VAL B 154 1.62 -9.00 -10.86
N LEU B 155 1.78 -7.81 -10.28
CA LEU B 155 3.03 -7.07 -10.39
C LEU B 155 3.76 -7.11 -9.05
N VAL B 156 5.08 -6.98 -9.11
CA VAL B 156 5.97 -7.18 -7.97
C VAL B 156 6.55 -5.82 -7.61
N LYS B 157 6.04 -5.24 -6.52
CA LYS B 157 6.64 -4.00 -6.00
C LYS B 157 7.98 -4.27 -5.35
N THR B 158 8.03 -5.26 -4.45
CA THR B 158 9.26 -5.87 -3.94
C THR B 158 9.01 -7.36 -3.87
N PRO B 159 10.03 -8.20 -3.70
CA PRO B 159 9.79 -9.65 -3.68
C PRO B 159 8.75 -10.07 -2.65
N GLN B 160 8.53 -9.32 -1.57
CA GLN B 160 7.48 -9.72 -0.64
C GLN B 160 6.29 -8.76 -0.62
N HIS B 161 6.06 -8.04 -1.72
CA HIS B 161 4.89 -7.16 -1.84
C HIS B 161 4.41 -7.20 -3.29
N VAL B 162 3.29 -7.86 -3.56
CA VAL B 162 2.76 -7.94 -4.93
C VAL B 162 1.37 -7.32 -4.98
N LYS B 163 0.97 -6.90 -6.18
CA LYS B 163 -0.29 -6.21 -6.39
C LYS B 163 -0.94 -6.69 -7.67
N ILE B 164 -2.25 -6.83 -7.64
CA ILE B 164 -3.02 -7.17 -8.83
C ILE B 164 -3.21 -5.92 -9.67
N THR B 165 -3.13 -6.08 -10.98
CA THR B 165 -3.36 -4.93 -11.87
C THR B 165 -4.33 -5.33 -12.97
N ASP B 166 -4.75 -4.31 -13.73
CA ASP B 166 -5.54 -4.49 -14.94
C ASP B 166 -6.86 -5.20 -14.68
N PHE B 167 -7.45 -4.93 -13.52
CA PHE B 167 -8.81 -5.34 -13.23
C PHE B 167 -9.76 -4.30 -13.79
N GLY B 168 -10.98 -4.74 -14.10
CA GLY B 168 -12.03 -3.85 -14.56
C GLY B 168 -11.87 -3.44 -16.00
N VAL B 187 -8.81 -14.42 -25.52
CA VAL B 187 -9.60 -15.03 -24.45
C VAL B 187 -8.72 -15.98 -23.65
N PRO B 188 -8.59 -15.72 -22.35
CA PRO B 188 -7.71 -16.55 -21.51
C PRO B 188 -8.40 -17.84 -21.06
N ILE B 189 -8.65 -18.71 -22.04
CA ILE B 189 -9.45 -19.92 -21.83
C ILE B 189 -8.86 -20.78 -20.73
N LYS B 190 -7.53 -20.92 -20.73
CA LYS B 190 -6.84 -21.81 -19.81
C LYS B 190 -6.89 -21.33 -18.36
N TRP B 191 -7.39 -20.12 -18.12
CA TRP B 191 -7.60 -19.61 -16.77
C TRP B 191 -9.07 -19.58 -16.38
N MET B 192 -9.96 -19.91 -17.29
CA MET B 192 -11.40 -19.75 -17.05
C MET B 192 -12.03 -20.99 -16.44
N ALA B 193 -13.00 -20.76 -15.56
CA ALA B 193 -13.74 -21.88 -15.01
C ALA B 193 -14.59 -22.52 -16.11
N LEU B 194 -14.93 -23.79 -15.90
CA LEU B 194 -15.64 -24.55 -16.93
C LEU B 194 -16.98 -23.91 -17.28
N GLU B 195 -17.72 -23.43 -16.27
CA GLU B 195 -18.99 -22.77 -16.53
C GLU B 195 -18.80 -21.48 -17.33
N SER B 196 -17.63 -20.85 -17.21
CA SER B 196 -17.33 -19.67 -18.02
C SER B 196 -17.16 -20.06 -19.47
N ILE B 197 -16.48 -21.19 -19.73
CA ILE B 197 -16.29 -21.66 -21.10
C ILE B 197 -17.62 -22.14 -21.69
N LEU B 198 -18.34 -22.97 -20.95
CA LEU B 198 -19.51 -23.65 -21.50
C LEU B 198 -20.73 -22.75 -21.60
N HIS B 199 -20.97 -21.91 -20.59
CA HIS B 199 -22.19 -21.13 -20.49
C HIS B 199 -21.95 -19.63 -20.34
N ARG B 200 -20.72 -19.16 -20.52
CA ARG B 200 -20.43 -17.74 -20.40
C ARG B 200 -20.71 -17.23 -18.98
N ILE B 201 -20.51 -18.09 -17.98
CA ILE B 201 -20.85 -17.80 -16.59
C ILE B 201 -19.61 -17.35 -15.83
N TYR B 202 -19.66 -16.13 -15.29
CA TYR B 202 -18.58 -15.57 -14.50
C TYR B 202 -19.13 -15.12 -13.15
N THR B 203 -18.56 -15.65 -12.07
CA THR B 203 -18.94 -15.30 -10.72
C THR B 203 -17.66 -15.18 -9.89
N HIS B 204 -17.83 -14.80 -8.63
CA HIS B 204 -16.71 -14.85 -7.70
C HIS B 204 -16.13 -16.26 -7.64
N GLN B 205 -16.99 -17.29 -7.75
CA GLN B 205 -16.51 -18.67 -7.72
C GLN B 205 -15.69 -19.02 -8.96
N SER B 206 -15.99 -18.41 -10.11
CA SER B 206 -15.11 -18.59 -11.28
C SER B 206 -13.78 -17.85 -11.10
N ASP B 207 -13.80 -16.72 -10.39
CA ASP B 207 -12.54 -16.05 -10.06
C ASP B 207 -11.67 -16.94 -9.19
N VAL B 208 -12.29 -17.67 -8.27
CA VAL B 208 -11.54 -18.63 -7.46
C VAL B 208 -10.86 -19.67 -8.35
N TRP B 209 -11.55 -20.13 -9.39
CA TRP B 209 -10.92 -21.06 -10.33
C TRP B 209 -9.69 -20.44 -10.96
N SER B 210 -9.81 -19.21 -11.47
CA SER B 210 -8.64 -18.52 -12.04
C SER B 210 -7.57 -18.32 -10.99
N TYR B 211 -7.97 -18.03 -9.75
CA TYR B 211 -7.00 -17.95 -8.68
C TYR B 211 -6.26 -19.26 -8.53
N GLY B 212 -6.98 -20.38 -8.59
CA GLY B 212 -6.32 -21.67 -8.51
C GLY B 212 -5.31 -21.87 -9.61
N VAL B 213 -5.66 -21.48 -10.84
CA VAL B 213 -4.70 -21.59 -11.94
C VAL B 213 -3.51 -20.68 -11.71
N THR B 214 -3.76 -19.46 -11.21
CA THR B 214 -2.66 -18.54 -10.91
C THR B 214 -1.73 -19.15 -9.88
N VAL B 215 -2.30 -19.75 -8.82
CA VAL B 215 -1.48 -20.42 -7.82
C VAL B 215 -0.69 -21.56 -8.44
N TRP B 216 -1.32 -22.32 -9.34
CA TRP B 216 -0.61 -23.37 -10.05
C TRP B 216 0.55 -22.82 -10.85
N GLU B 217 0.36 -21.67 -11.51
CA GLU B 217 1.48 -21.02 -12.21
C GLU B 217 2.63 -20.71 -11.25
N LEU B 218 2.31 -20.17 -10.06
CA LEU B 218 3.36 -19.82 -9.11
C LEU B 218 4.09 -21.06 -8.61
N MET B 219 3.33 -22.09 -8.24
CA MET B 219 3.92 -23.30 -7.68
C MET B 219 4.73 -24.10 -8.70
N THR B 220 4.44 -23.93 -10.00
CA THR B 220 5.26 -24.54 -11.05
C THR B 220 6.30 -23.57 -11.59
N PHE B 221 6.50 -22.43 -10.92
CA PHE B 221 7.47 -21.42 -11.35
C PHE B 221 7.20 -20.98 -12.78
N GLY B 222 5.93 -20.79 -13.11
CA GLY B 222 5.60 -20.16 -14.38
C GLY B 222 5.39 -21.09 -15.54
N SER B 223 5.06 -22.35 -15.30
CA SER B 223 4.74 -23.22 -16.42
C SER B 223 3.45 -22.76 -17.10
N LYS B 224 3.32 -23.10 -18.35
CA LYS B 224 2.09 -22.80 -19.06
C LYS B 224 1.06 -23.87 -18.76
N PRO B 225 -0.14 -23.49 -18.32
CA PRO B 225 -1.14 -24.52 -17.99
C PRO B 225 -1.60 -25.23 -19.25
N TYR B 226 -1.68 -26.55 -19.17
CA TYR B 226 -2.07 -27.40 -20.31
C TYR B 226 -1.22 -27.11 -21.54
N ASP B 227 0.11 -27.12 -21.34
CA ASP B 227 1.01 -26.68 -22.39
C ASP B 227 0.94 -27.60 -23.60
N GLY B 228 0.88 -27.01 -24.79
CA GLY B 228 0.78 -27.78 -26.01
C GLY B 228 -0.60 -28.33 -26.28
N ILE B 229 -1.59 -27.95 -25.51
CA ILE B 229 -2.98 -28.37 -25.71
C ILE B 229 -3.74 -27.19 -26.29
N PRO B 230 -4.43 -27.35 -27.41
CA PRO B 230 -5.18 -26.22 -27.97
C PRO B 230 -6.24 -25.76 -26.99
N ALA B 231 -6.45 -24.44 -26.94
CA ALA B 231 -7.42 -23.88 -26.02
C ALA B 231 -8.82 -24.40 -26.28
N SER B 232 -9.12 -24.76 -27.55
CA SER B 232 -10.43 -25.27 -27.91
C SER B 232 -10.71 -26.64 -27.31
N GLU B 233 -9.67 -27.39 -26.93
CA GLU B 233 -9.80 -28.71 -26.33
C GLU B 233 -9.96 -28.71 -24.82
N ILE B 234 -9.81 -27.56 -24.16
CA ILE B 234 -9.73 -27.53 -22.70
C ILE B 234 -11.04 -28.00 -22.06
N SER B 235 -12.18 -27.51 -22.55
CA SER B 235 -13.46 -27.85 -21.94
C SER B 235 -13.71 -29.35 -21.92
N SER B 236 -13.42 -30.04 -23.04
CA SER B 236 -13.62 -31.49 -23.07
C SER B 236 -12.68 -32.20 -22.10
N ILE B 237 -11.44 -31.70 -21.96
CA ILE B 237 -10.48 -32.31 -21.05
C ILE B 237 -10.94 -32.15 -19.61
N LEU B 238 -11.48 -30.98 -19.27
CA LEU B 238 -11.99 -30.76 -17.92
C LEU B 238 -13.18 -31.65 -17.62
N GLU B 239 -14.08 -31.79 -18.59
CA GLU B 239 -15.24 -32.66 -18.42
C GLU B 239 -14.84 -34.11 -18.18
N LYS B 240 -13.72 -34.55 -18.76
CA LYS B 240 -13.25 -35.90 -18.46
C LYS B 240 -12.73 -36.02 -17.03
N GLY B 241 -12.63 -34.91 -16.31
CA GLY B 241 -12.20 -34.89 -14.92
C GLY B 241 -10.72 -34.63 -14.72
N GLU B 242 -9.97 -34.39 -15.80
CA GLU B 242 -8.56 -34.08 -15.68
C GLU B 242 -8.37 -32.64 -15.22
N ARG B 243 -7.27 -32.42 -14.53
CA ARG B 243 -6.95 -31.11 -13.99
C ARG B 243 -5.46 -30.91 -14.15
N LEU B 244 -5.00 -29.70 -13.85
CA LEU B 244 -3.57 -29.45 -13.86
C LEU B 244 -2.90 -30.38 -12.87
N PRO B 245 -1.74 -30.93 -13.22
CA PRO B 245 -1.10 -31.92 -12.33
C PRO B 245 -0.56 -31.26 -11.07
N GLN B 246 -0.30 -32.10 -10.07
CA GLN B 246 0.26 -31.60 -8.83
C GLN B 246 1.68 -31.08 -9.03
N PRO B 247 1.98 -29.84 -8.69
CA PRO B 247 3.35 -29.37 -8.81
C PRO B 247 4.26 -30.19 -7.91
N PRO B 248 5.49 -30.48 -8.35
CA PRO B 248 6.37 -31.32 -7.52
C PRO B 248 6.62 -30.76 -6.12
N ILE B 249 6.67 -29.43 -5.97
CA ILE B 249 6.94 -28.85 -4.66
C ILE B 249 5.74 -28.91 -3.72
N CYS B 250 4.54 -29.16 -4.23
CA CYS B 250 3.34 -29.07 -3.40
C CYS B 250 3.07 -30.35 -2.62
N THR B 251 2.86 -30.21 -1.32
CA THR B 251 2.27 -31.31 -0.58
C THR B 251 0.79 -31.43 -0.90
N ILE B 252 0.19 -32.54 -0.47
CA ILE B 252 -1.20 -32.83 -0.81
C ILE B 252 -2.12 -31.77 -0.25
N ASP B 253 -1.80 -31.22 0.92
CA ASP B 253 -2.65 -30.18 1.50
C ASP B 253 -2.76 -28.97 0.59
N VAL B 254 -1.64 -28.55 0.00
CA VAL B 254 -1.68 -27.40 -0.92
C VAL B 254 -2.40 -27.79 -2.20
N TYR B 255 -2.06 -28.95 -2.77
CA TYR B 255 -2.66 -29.34 -4.04
C TYR B 255 -4.16 -29.57 -3.89
N MET B 256 -4.59 -30.11 -2.75
CA MET B 256 -6.02 -30.32 -2.52
C MET B 256 -6.78 -29.00 -2.56
N ILE B 257 -6.15 -27.92 -2.08
CA ILE B 257 -6.78 -26.60 -2.12
C ILE B 257 -6.95 -26.12 -3.56
N MET B 258 -5.90 -26.26 -4.37
CA MET B 258 -6.03 -25.91 -5.78
C MET B 258 -7.12 -26.73 -6.45
N ARG B 259 -7.15 -28.04 -6.18
CA ARG B 259 -8.14 -28.91 -6.81
C ARG B 259 -9.54 -28.49 -6.40
N LYS B 260 -9.71 -28.05 -5.14
CA LYS B 260 -11.03 -27.57 -4.72
C LYS B 260 -11.44 -26.33 -5.50
N CYS B 261 -10.46 -25.49 -5.89
CA CYS B 261 -10.77 -24.34 -6.74
C CYS B 261 -11.27 -24.74 -8.12
N TRP B 262 -11.00 -25.99 -8.54
CA TRP B 262 -11.35 -26.47 -9.87
C TRP B 262 -12.49 -27.49 -9.84
N MET B 263 -13.30 -27.47 -8.80
CA MET B 263 -14.45 -28.35 -8.77
C MET B 263 -15.51 -27.86 -9.74
N ILE B 264 -16.17 -28.80 -10.42
CA ILE B 264 -17.18 -28.44 -11.41
C ILE B 264 -18.31 -27.67 -10.76
N ASP B 265 -18.73 -28.09 -9.56
CA ASP B 265 -19.75 -27.36 -8.81
C ASP B 265 -19.11 -26.14 -8.15
N ALA B 266 -19.47 -24.95 -8.64
CA ALA B 266 -18.82 -23.72 -8.18
C ALA B 266 -19.05 -23.45 -6.69
N ASP B 267 -20.23 -23.80 -6.17
CA ASP B 267 -20.50 -23.56 -4.76
C ASP B 267 -19.64 -24.40 -3.82
N SER B 268 -19.05 -25.50 -4.31
CA SER B 268 -18.16 -26.29 -3.48
C SER B 268 -16.73 -25.74 -3.44
N ARG B 269 -16.40 -24.81 -4.32
CA ARG B 269 -15.08 -24.18 -4.29
C ARG B 269 -14.98 -23.28 -3.07
N PRO B 270 -13.77 -23.04 -2.56
CA PRO B 270 -13.60 -22.10 -1.45
C PRO B 270 -13.88 -20.66 -1.85
N LYS B 271 -14.20 -19.85 -0.85
CA LYS B 271 -14.31 -18.40 -1.03
C LYS B 271 -12.97 -17.75 -0.73
N PHE B 272 -12.76 -16.55 -1.26
CA PHE B 272 -11.46 -15.91 -1.08
C PHE B 272 -11.14 -15.68 0.39
N ARG B 273 -12.17 -15.37 1.19
CA ARG B 273 -11.93 -15.20 2.62
C ARG B 273 -11.38 -16.47 3.23
N GLU B 274 -11.88 -17.63 2.78
CA GLU B 274 -11.37 -18.91 3.27
C GLU B 274 -9.95 -19.14 2.78
N LEU B 275 -9.66 -18.76 1.54
CA LEU B 275 -8.33 -18.92 0.98
C LEU B 275 -7.31 -18.05 1.70
N ILE B 276 -7.70 -16.83 2.08
CA ILE B 276 -6.81 -15.97 2.85
C ILE B 276 -6.41 -16.67 4.14
N ILE B 277 -7.39 -17.25 4.83
CA ILE B 277 -7.15 -17.90 6.12
C ILE B 277 -6.25 -19.13 5.96
N GLU B 278 -6.58 -19.98 4.99
CA GLU B 278 -5.84 -21.23 4.81
C GLU B 278 -4.40 -20.97 4.38
N PHE B 279 -4.20 -20.07 3.42
CA PHE B 279 -2.82 -19.77 3.02
C PHE B 279 -2.09 -18.99 4.10
N SER B 280 -2.80 -18.16 4.88
CA SER B 280 -2.16 -17.49 6.01
C SER B 280 -1.70 -18.49 7.05
N LYS B 281 -2.52 -19.50 7.31
CA LYS B 281 -2.14 -20.54 8.26
C LYS B 281 -0.93 -21.33 7.78
N MET B 282 -0.90 -21.69 6.50
CA MET B 282 0.23 -22.45 5.97
C MET B 282 1.49 -21.60 5.90
N ALA B 283 1.35 -20.31 5.66
CA ALA B 283 2.51 -19.41 5.66
C ALA B 283 3.17 -19.34 7.04
N ARG B 284 2.45 -19.74 8.10
CA ARG B 284 3.04 -19.80 9.42
C ARG B 284 4.10 -20.90 9.53
N ASP B 285 3.99 -21.94 8.71
CA ASP B 285 4.92 -23.07 8.75
C ASP B 285 5.22 -23.50 7.31
N PRO B 286 6.00 -22.69 6.59
CA PRO B 286 6.08 -22.87 5.12
C PRO B 286 6.67 -24.20 4.69
N GLN B 287 7.71 -24.69 5.37
CA GLN B 287 8.35 -25.95 4.98
C GLN B 287 7.43 -27.15 5.15
N ARG B 288 6.40 -27.06 5.99
CA ARG B 288 5.46 -28.18 6.13
C ARG B 288 4.65 -28.36 4.86
N TYR B 289 4.28 -27.27 4.20
CA TYR B 289 3.32 -27.33 3.12
C TYR B 289 3.94 -27.26 1.73
N LEU B 290 5.19 -26.80 1.63
CA LEU B 290 5.91 -26.82 0.37
C LEU B 290 7.29 -27.40 0.62
N VAL B 291 7.66 -28.37 -0.21
CA VAL B 291 8.95 -29.04 -0.13
C VAL B 291 9.77 -28.58 -1.31
N ILE B 292 10.76 -27.73 -1.05
CA ILE B 292 11.59 -27.16 -2.08
C ILE B 292 13.04 -27.52 -1.75
N GLN B 293 13.80 -27.90 -2.77
CA GLN B 293 15.18 -28.32 -2.53
C GLN B 293 16.00 -27.15 -2.01
N GLY B 294 16.67 -27.37 -0.89
CA GLY B 294 17.45 -26.33 -0.24
C GLY B 294 16.65 -25.22 0.42
N ASP B 295 15.54 -25.55 1.06
CA ASP B 295 14.72 -24.52 1.71
C ASP B 295 14.94 -24.51 3.22
#